data_7SQN
#
_entry.id   7SQN
#
_cell.length_a   72.854
_cell.length_b   140.984
_cell.length_c   145.962
_cell.angle_alpha   90.000
_cell.angle_beta   90.000
_cell.angle_gamma   90.000
#
_symmetry.space_group_name_H-M   'I 2 2 2'
#
loop_
_entity.id
_entity.type
_entity.pdbx_description
1 polymer 'Bifunctional protein PutA'
2 non-polymer 'FLAVIN-ADENINE DINUCLEOTIDE'
3 non-polymer 'TRIETHYLENE GLYCOL'
4 non-polymer 'PENTAETHYLENE GLYCOL'
5 non-polymer '(2S)-oxetane-2-carboxylic acid'
6 water water
#
_entity_poly.entity_id   1
_entity_poly.type   'polypeptide(L)'
_entity_poly.pdbx_seq_one_letter_code
;LPQSVSRAAITAAYRRPETEAVSMLLEQARLPQPVAEQAHKLAYQLADKLRNQKNASGRAGMVQGLLQEFSLSSQEGVAL
MCLAEALLRIPDKATRDALIRDKISNGNWQSHIGRSPSLFVNAATWGLLFTGKLVSTHNEASLSRSLNRIIGKSGEPLIR
KGVDMAMRLMGEQFVTGETIAEALANARKLEEKGFRYSYDMLGEAALTAADAQAYMVSYQQAIHAIGKASNGRGIYEGPG
ISIKLSALHPRYSRAQYDRVMEELYPRLKSLTLLARQYDIGINIDAEESDRLEISLDLLEKLCFEPELAGWNGIGFVIQA
YQKRCPLVIDYLIDLATRSRRRLMIRLVKGAYWDSEIKRAQMDGLEGYPVYTRKVYTDVSYLACAKKLLAVPNLIYPQFA
THNAHTLAAIYQLAGQNYYPGQYEFQCLHGMGEPLYEQVTGKVADGKLNRPCRIYAPVGTHETLLAYLVRRLLENGANTS
FVNRIADTSLPLDELVADPVTAVEKLAQQEGQTGLPHPKIPLPRDLYGHGRDNSAGLDLANEHRLHHHHHH
;
_entity_poly.pdbx_strand_id   A
#
# COMPACT_ATOMS: atom_id res chain seq x y z
N GLN A 3 21.36 9.71 25.11
CA GLN A 3 20.29 9.78 24.12
C GLN A 3 19.59 11.14 24.13
N SER A 4 19.36 11.72 22.96
CA SER A 4 18.74 13.04 22.88
C SER A 4 17.28 12.96 23.36
N VAL A 5 16.66 14.14 23.48
CA VAL A 5 15.30 14.21 23.99
C VAL A 5 14.34 13.47 23.06
N SER A 6 14.45 13.71 21.76
CA SER A 6 13.54 13.10 20.81
C SER A 6 13.79 11.60 20.68
N ARG A 7 15.06 11.18 20.71
CA ARG A 7 15.37 9.75 20.66
C ARG A 7 14.86 9.03 21.90
N ALA A 8 14.95 9.65 23.07
CA ALA A 8 14.50 9.02 24.29
C ALA A 8 12.99 8.84 24.31
N ALA A 9 12.25 9.81 23.78
CA ALA A 9 10.80 9.68 23.74
C ALA A 9 10.36 8.58 22.78
N ILE A 10 11.12 8.37 21.70
CA ILE A 10 10.85 7.23 20.82
C ILE A 10 10.97 5.92 21.59
N THR A 11 12.09 5.75 22.29
CA THR A 11 12.35 4.51 22.99
C THR A 11 11.27 4.24 24.04
N ALA A 12 10.81 5.29 24.73
CA ALA A 12 9.80 5.12 25.77
C ALA A 12 8.43 4.73 25.20
N ALA A 13 8.14 5.05 23.94
CA ALA A 13 6.84 4.73 23.39
C ALA A 13 6.79 3.36 22.71
N TYR A 14 7.91 2.63 22.69
CA TYR A 14 8.07 1.42 21.90
C TYR A 14 6.88 0.46 21.96
N ARG A 15 6.45 0.08 23.16
CA ARG A 15 5.35 -0.86 23.34
C ARG A 15 4.30 -0.28 24.28
N ARG A 16 3.96 0.98 24.06
CA ARG A 16 2.99 1.69 24.88
C ARG A 16 1.64 0.99 24.84
N PRO A 17 0.93 0.89 25.98
CA PRO A 17 -0.39 0.25 25.97
C PRO A 17 -1.34 0.94 25.00
N GLU A 18 -2.10 0.11 24.29
CA GLU A 18 -2.92 0.60 23.20
C GLU A 18 -3.98 1.61 23.66
N THR A 19 -4.56 1.41 24.85
CA THR A 19 -5.53 2.40 25.33
C THR A 19 -4.85 3.75 25.48
N GLU A 20 -3.61 3.76 25.97
CA GLU A 20 -2.89 5.01 26.19
C GLU A 20 -2.50 5.68 24.88
N ALA A 21 -1.96 4.92 23.93
CA ALA A 21 -1.48 5.51 22.68
C ALA A 21 -2.64 5.98 21.81
N VAL A 22 -3.73 5.21 21.73
CA VAL A 22 -4.87 5.60 20.92
C VAL A 22 -5.58 6.82 21.52
N SER A 23 -5.63 6.89 22.85
CA SER A 23 -6.22 8.06 23.50
C SER A 23 -5.46 9.34 23.16
N MET A 24 -4.13 9.30 23.23
CA MET A 24 -3.33 10.48 22.91
C MET A 24 -3.51 10.91 21.46
N LEU A 25 -3.62 9.93 20.54
CA LEU A 25 -3.72 10.26 19.12
C LEU A 25 -5.06 10.86 18.74
N LEU A 26 -6.10 10.60 19.54
CA LEU A 26 -7.46 10.82 19.07
C LEU A 26 -7.69 12.27 18.66
N GLU A 27 -7.34 13.22 19.54
CA GLU A 27 -7.63 14.61 19.22
C GLU A 27 -6.68 15.17 18.17
N GLN A 28 -5.45 14.64 18.10
CA GLN A 28 -4.55 15.00 17.00
C GLN A 28 -5.07 14.54 15.64
N ALA A 29 -5.90 13.50 15.60
CA ALA A 29 -6.39 12.97 14.33
C ALA A 29 -7.77 13.46 13.96
N ARG A 30 -8.49 14.13 14.86
CA ARG A 30 -9.86 14.53 14.57
C ARG A 30 -9.91 15.62 13.51
N LEU A 31 -10.65 15.36 12.45
CA LEU A 31 -10.91 16.36 11.41
C LEU A 31 -11.98 17.35 11.87
N PRO A 32 -11.73 18.66 11.78
CA PRO A 32 -12.76 19.64 12.14
C PRO A 32 -14.01 19.44 11.29
N GLN A 33 -15.18 19.66 11.90
CA GLN A 33 -16.47 19.34 11.27
C GLN A 33 -16.58 19.74 9.80
N PRO A 34 -16.24 20.97 9.37
CA PRO A 34 -16.32 21.25 7.92
C PRO A 34 -15.36 20.39 7.10
N VAL A 35 -14.12 20.23 7.58
CA VAL A 35 -13.16 19.40 6.85
C VAL A 35 -13.63 17.95 6.81
N ALA A 36 -14.15 17.43 7.93
CA ALA A 36 -14.65 16.06 7.97
C ALA A 36 -15.76 15.87 6.95
N GLU A 37 -16.67 16.84 6.83
CA GLU A 37 -17.74 16.78 5.83
C GLU A 37 -17.17 16.68 4.42
N GLN A 38 -16.24 17.59 4.08
CA GLN A 38 -15.67 17.60 2.73
C GLN A 38 -14.83 16.36 2.47
N ALA A 39 -14.18 15.81 3.51
CA ALA A 39 -13.47 14.56 3.33
C ALA A 39 -14.44 13.42 3.05
N HIS A 40 -15.60 13.43 3.73
CA HIS A 40 -16.59 12.37 3.51
C HIS A 40 -17.13 12.40 2.08
N LYS A 41 -17.59 13.58 1.62
CA LYS A 41 -18.13 13.67 0.26
C LYS A 41 -17.10 13.23 -0.77
N LEU A 42 -15.85 13.67 -0.61
CA LEU A 42 -14.81 13.31 -1.57
C LEU A 42 -14.47 11.82 -1.49
N ALA A 43 -14.36 11.28 -0.27
CA ALA A 43 -14.10 9.85 -0.12
C ALA A 43 -15.22 9.04 -0.74
N TYR A 44 -16.47 9.42 -0.46
CA TYR A 44 -17.62 8.76 -1.06
C TYR A 44 -17.52 8.77 -2.58
N GLN A 45 -17.19 9.93 -3.15
CA GLN A 45 -17.20 10.06 -4.60
C GLN A 45 -16.08 9.27 -5.26
N LEU A 46 -14.92 9.19 -4.59
CA LEU A 46 -13.82 8.39 -5.12
C LEU A 46 -14.17 6.90 -5.04
N ALA A 47 -14.73 6.46 -3.92
CA ALA A 47 -15.10 5.06 -3.77
C ALA A 47 -16.24 4.68 -4.71
N ASP A 48 -17.16 5.62 -4.98
CA ASP A 48 -18.26 5.33 -5.90
C ASP A 48 -17.76 5.09 -7.32
N LYS A 49 -16.93 5.98 -7.85
CA LYS A 49 -16.38 5.75 -9.18
C LYS A 49 -15.49 4.51 -9.20
N LEU A 50 -14.91 4.15 -8.06
CA LEU A 50 -14.00 3.00 -8.00
C LEU A 50 -14.79 1.69 -8.06
N ARG A 51 -15.79 1.56 -7.19
CA ARG A 51 -16.63 0.38 -7.20
C ARG A 51 -17.40 0.26 -8.52
N ASN A 52 -17.87 1.39 -9.06
CA ASN A 52 -18.85 1.38 -10.14
C ASN A 52 -18.23 1.79 -11.48
N GLN A 53 -16.93 1.53 -11.65
CA GLN A 53 -16.35 1.56 -12.98
C GLN A 53 -16.94 0.43 -13.80
N LYS A 54 -17.36 0.75 -15.03
CA LYS A 54 -18.10 -0.19 -15.88
C LYS A 54 -19.43 -0.60 -15.25
N ASN A 55 -19.95 0.26 -14.37
CA ASN A 55 -21.32 0.16 -13.84
C ASN A 55 -21.53 -1.14 -13.05
N ALA A 56 -20.54 -1.49 -12.23
CA ALA A 56 -20.61 -2.77 -11.51
C ALA A 56 -21.79 -2.82 -10.55
N SER A 57 -22.09 -1.70 -9.89
CA SER A 57 -23.21 -1.69 -8.96
C SER A 57 -24.55 -1.62 -9.70
N GLY A 58 -24.67 -0.69 -10.65
CA GLY A 58 -25.91 -0.55 -11.39
C GLY A 58 -26.31 -1.81 -12.14
N ARG A 59 -25.34 -2.63 -12.53
CA ARG A 59 -25.65 -3.91 -13.17
C ARG A 59 -26.15 -4.91 -12.13
N ALA A 60 -25.49 -4.99 -10.99
CA ALA A 60 -26.00 -5.81 -9.90
C ALA A 60 -27.38 -5.34 -9.44
N GLY A 61 -27.68 -4.05 -9.62
CA GLY A 61 -29.00 -3.55 -9.30
C GLY A 61 -30.07 -4.12 -10.20
N MET A 62 -29.82 -4.09 -11.52
CA MET A 62 -30.75 -4.71 -12.46
C MET A 62 -30.87 -6.21 -12.26
N VAL A 63 -29.87 -6.84 -11.66
CA VAL A 63 -29.94 -8.28 -11.38
C VAL A 63 -30.96 -8.56 -10.27
N GLN A 64 -30.75 -7.94 -9.10
CA GLN A 64 -31.65 -8.17 -7.98
C GLN A 64 -33.08 -7.75 -8.31
N GLY A 65 -33.23 -6.65 -9.05
CA GLY A 65 -34.55 -6.18 -9.45
C GLY A 65 -35.34 -7.18 -10.28
N LEU A 66 -34.65 -8.14 -10.92
CA LEU A 66 -35.33 -9.23 -11.60
C LEU A 66 -35.21 -10.55 -10.85
N LEU A 67 -34.22 -10.70 -9.95
CA LEU A 67 -34.15 -11.87 -9.10
C LEU A 67 -35.36 -11.97 -8.18
N GLN A 68 -36.05 -10.86 -7.95
CA GLN A 68 -37.29 -10.81 -7.18
C GLN A 68 -38.53 -10.70 -8.05
N GLU A 69 -38.49 -9.88 -9.10
CA GLU A 69 -39.68 -9.61 -9.92
C GLU A 69 -40.31 -10.90 -10.43
N PHE A 70 -39.48 -11.87 -10.84
CA PHE A 70 -39.97 -13.20 -11.17
C PHE A 70 -39.87 -14.16 -10.00
N SER A 71 -39.18 -13.78 -8.93
CA SER A 71 -38.98 -14.60 -7.73
C SER A 71 -38.32 -15.93 -8.11
N LEU A 72 -37.06 -15.83 -8.52
CA LEU A 72 -36.28 -16.98 -8.93
C LEU A 72 -34.98 -17.02 -8.14
N SER A 73 -34.35 -18.19 -8.14
CA SER A 73 -33.11 -18.41 -7.41
C SER A 73 -31.94 -17.74 -8.14
N SER A 74 -30.74 -17.91 -7.59
CA SER A 74 -29.54 -17.43 -8.28
C SER A 74 -29.08 -18.43 -9.34
N GLN A 75 -29.08 -19.72 -9.01
CA GLN A 75 -28.82 -20.73 -10.02
C GLN A 75 -29.95 -20.79 -11.05
N GLU A 76 -31.20 -20.69 -10.58
CA GLU A 76 -32.36 -20.68 -11.46
C GLU A 76 -32.52 -19.36 -12.22
N GLY A 77 -31.64 -18.39 -12.01
CA GLY A 77 -31.73 -17.10 -12.69
C GLY A 77 -30.59 -16.82 -13.64
N VAL A 78 -29.43 -17.42 -13.36
CA VAL A 78 -28.34 -17.39 -14.34
C VAL A 78 -28.70 -18.25 -15.55
N ALA A 79 -29.44 -19.33 -15.34
CA ALA A 79 -29.87 -20.17 -16.44
C ALA A 79 -30.85 -19.45 -17.35
N LEU A 80 -31.60 -18.50 -16.82
CA LEU A 80 -32.48 -17.68 -17.65
C LEU A 80 -31.66 -16.79 -18.60
N MET A 81 -30.54 -16.24 -18.11
CA MET A 81 -29.69 -15.42 -18.97
C MET A 81 -29.10 -16.23 -20.12
N CYS A 82 -28.64 -17.44 -19.84
CA CYS A 82 -28.07 -18.29 -20.90
C CYS A 82 -29.07 -18.51 -22.01
N LEU A 83 -30.34 -18.70 -21.66
CA LEU A 83 -31.38 -18.82 -22.68
C LEU A 83 -31.64 -17.49 -23.36
N ALA A 84 -31.64 -16.39 -22.58
CA ALA A 84 -31.84 -15.07 -23.17
C ALA A 84 -30.71 -14.72 -24.14
N GLU A 85 -29.47 -15.06 -23.77
CA GLU A 85 -28.34 -14.86 -24.68
C GLU A 85 -28.50 -15.69 -25.95
N ALA A 86 -28.93 -16.95 -25.81
CA ALA A 86 -29.10 -17.79 -26.98
C ALA A 86 -30.30 -17.39 -27.83
N LEU A 87 -31.28 -16.71 -27.24
CA LEU A 87 -32.40 -16.24 -28.04
C LEU A 87 -32.06 -14.97 -28.79
N LEU A 88 -31.20 -14.13 -28.20
CA LEU A 88 -30.72 -12.93 -28.87
C LEU A 88 -29.75 -13.24 -30.01
N ARG A 89 -29.38 -14.50 -30.21
CA ARG A 89 -28.50 -14.90 -31.29
C ARG A 89 -29.26 -15.38 -32.51
N ILE A 90 -30.58 -15.45 -32.44
CA ILE A 90 -31.41 -15.73 -33.61
C ILE A 90 -31.43 -14.44 -34.42
N PRO A 91 -31.01 -14.47 -35.69
CA PRO A 91 -30.77 -13.21 -36.41
C PRO A 91 -32.01 -12.35 -36.60
N ASP A 92 -33.16 -12.97 -36.84
CA ASP A 92 -34.38 -12.26 -37.20
C ASP A 92 -35.38 -12.32 -36.05
N LYS A 93 -35.96 -11.16 -35.73
CA LYS A 93 -36.91 -11.07 -34.62
C LYS A 93 -38.19 -11.86 -34.89
N ALA A 94 -38.57 -11.99 -36.17
CA ALA A 94 -39.73 -12.81 -36.50
C ALA A 94 -39.54 -14.24 -36.01
N THR A 95 -38.34 -14.79 -36.22
CA THR A 95 -38.10 -16.17 -35.81
C THR A 95 -37.91 -16.26 -34.29
N ARG A 96 -37.27 -15.26 -33.70
CA ARG A 96 -37.06 -15.28 -32.24
C ARG A 96 -38.38 -15.24 -31.49
N ASP A 97 -39.30 -14.37 -31.90
CA ASP A 97 -40.57 -14.23 -31.19
C ASP A 97 -41.44 -15.47 -31.37
N ALA A 98 -41.57 -15.94 -32.62
CA ALA A 98 -42.35 -17.14 -32.88
C ALA A 98 -41.85 -18.33 -32.10
N LEU A 99 -40.53 -18.38 -31.84
CA LEU A 99 -40.02 -19.44 -30.98
C LEU A 99 -40.51 -19.28 -29.55
N ILE A 100 -40.72 -18.03 -29.10
CA ILE A 100 -41.13 -17.79 -27.72
C ILE A 100 -42.61 -18.05 -27.52
N ARG A 101 -43.44 -17.73 -28.54
CA ARG A 101 -44.89 -17.86 -28.43
C ARG A 101 -45.41 -19.20 -28.95
N ASP A 102 -44.53 -20.15 -29.26
CA ASP A 102 -44.99 -21.43 -29.80
C ASP A 102 -44.29 -22.60 -29.11
N LYS A 103 -42.96 -22.63 -29.17
CA LYS A 103 -42.20 -23.77 -28.68
C LYS A 103 -41.48 -23.48 -27.37
N ILE A 104 -41.69 -22.30 -26.77
CA ILE A 104 -41.01 -21.93 -25.53
C ILE A 104 -41.90 -22.22 -24.34
N SER A 105 -42.62 -23.34 -24.39
CA SER A 105 -43.39 -23.88 -23.27
C SER A 105 -43.49 -25.40 -23.42
N ASN A 106 -42.34 -26.06 -23.55
CA ASN A 106 -42.33 -27.52 -23.76
C ASN A 106 -41.01 -28.13 -23.31
N GLY A 107 -39.89 -27.54 -23.71
CA GLY A 107 -38.60 -28.07 -23.33
C GLY A 107 -37.49 -27.49 -24.19
N ASN A 108 -36.32 -28.11 -24.07
CA ASN A 108 -35.14 -27.64 -24.80
C ASN A 108 -34.20 -28.79 -25.11
N LEU A 119 -25.49 -24.97 -24.78
CA LEU A 119 -26.43 -23.89 -24.51
C LEU A 119 -25.90 -22.97 -23.43
N PHE A 120 -25.77 -23.50 -22.21
CA PHE A 120 -25.26 -22.72 -21.08
C PHE A 120 -23.76 -22.55 -21.18
N VAL A 121 -23.27 -22.06 -22.32
CA VAL A 121 -21.84 -21.87 -22.49
C VAL A 121 -21.33 -20.83 -21.48
N ASN A 122 -21.83 -19.60 -21.57
CA ASN A 122 -21.37 -18.51 -20.72
C ASN A 122 -22.10 -18.44 -19.39
N ALA A 123 -22.50 -19.59 -18.82
CA ALA A 123 -23.09 -19.59 -17.50
C ALA A 123 -22.11 -19.08 -16.45
N ALA A 124 -20.81 -19.30 -16.68
CA ALA A 124 -19.80 -18.81 -15.74
C ALA A 124 -19.73 -17.28 -15.77
N THR A 125 -19.62 -16.69 -16.96
CA THR A 125 -19.59 -15.22 -17.07
C THR A 125 -20.86 -14.60 -16.53
N TRP A 126 -22.00 -15.29 -16.70
CA TRP A 126 -23.27 -14.81 -16.15
C TRP A 126 -23.33 -14.98 -14.63
N GLY A 127 -22.74 -16.05 -14.11
CA GLY A 127 -22.73 -16.26 -12.67
C GLY A 127 -21.93 -15.20 -11.93
N LEU A 128 -20.90 -14.65 -12.57
CA LEU A 128 -20.13 -13.56 -11.99
C LEU A 128 -20.94 -12.30 -11.81
N LEU A 129 -22.09 -12.19 -12.48
CA LEU A 129 -23.03 -11.10 -12.23
C LEU A 129 -24.07 -11.46 -11.19
N PHE A 130 -24.33 -12.74 -10.96
CA PHE A 130 -25.33 -13.19 -10.01
C PHE A 130 -24.69 -14.02 -8.90
N ALA A 141 -14.67 -28.75 -3.51
CA ALA A 141 -15.60 -29.80 -3.92
C ALA A 141 -14.90 -31.15 -3.97
N SER A 142 -14.84 -31.75 -5.16
CA SER A 142 -14.06 -32.95 -5.41
C SER A 142 -12.61 -32.66 -5.78
N LEU A 143 -12.22 -31.37 -5.80
CA LEU A 143 -10.83 -31.03 -6.05
C LEU A 143 -9.92 -31.52 -4.93
N SER A 144 -10.46 -31.61 -3.70
CA SER A 144 -9.71 -32.22 -2.61
C SER A 144 -9.28 -33.64 -2.94
N ARG A 145 -10.06 -34.35 -3.77
CA ARG A 145 -9.66 -35.68 -4.21
C ARG A 145 -8.54 -35.59 -5.25
N SER A 146 -8.68 -34.72 -6.24
CA SER A 146 -7.65 -34.57 -7.27
C SER A 146 -6.35 -34.06 -6.68
N LEU A 147 -6.42 -33.33 -5.56
CA LEU A 147 -5.23 -32.84 -4.87
C LEU A 147 -4.58 -33.94 -4.03
N ASN A 148 -5.38 -34.67 -3.25
CA ASN A 148 -4.84 -35.78 -2.46
C ASN A 148 -4.21 -36.84 -3.38
N ARG A 149 -4.82 -37.07 -4.54
CA ARG A 149 -4.26 -38.03 -5.48
C ARG A 149 -2.93 -37.53 -6.03
N ILE A 150 -2.87 -36.26 -6.45
CA ILE A 150 -1.65 -35.76 -7.08
C ILE A 150 -0.55 -35.54 -6.06
N ILE A 151 -0.90 -35.18 -4.83
CA ILE A 151 0.11 -34.82 -3.82
C ILE A 151 0.99 -36.02 -3.49
N GLY A 152 0.38 -37.09 -2.97
CA GLY A 152 1.14 -38.28 -2.63
C GLY A 152 1.80 -38.94 -3.81
N LYS A 153 1.33 -38.65 -5.03
CA LYS A 153 1.89 -39.25 -6.24
C LYS A 153 3.19 -38.57 -6.65
N SER A 154 3.23 -37.24 -6.60
CA SER A 154 4.39 -36.49 -7.09
C SER A 154 5.18 -35.79 -6.00
N GLY A 155 4.62 -35.63 -4.80
CA GLY A 155 5.41 -35.33 -3.61
C GLY A 155 5.68 -33.86 -3.37
N GLU A 156 6.75 -33.62 -2.60
CA GLU A 156 7.18 -32.27 -2.25
C GLU A 156 7.71 -31.50 -3.46
N PRO A 157 8.49 -32.10 -4.37
CA PRO A 157 8.89 -31.36 -5.57
C PRO A 157 7.71 -30.81 -6.37
N LEU A 158 6.57 -31.50 -6.38
CA LEU A 158 5.38 -30.93 -7.03
C LEU A 158 4.84 -29.74 -6.26
N ILE A 159 4.83 -29.83 -4.92
CA ILE A 159 4.38 -28.70 -4.12
C ILE A 159 5.29 -27.50 -4.31
N ARG A 160 6.62 -27.74 -4.36
CA ARG A 160 7.58 -26.66 -4.51
C ARG A 160 7.43 -25.98 -5.88
N LYS A 161 7.11 -26.74 -6.92
CA LYS A 161 6.90 -26.15 -8.24
C LYS A 161 5.56 -25.42 -8.31
N GLY A 162 4.53 -25.96 -7.66
CA GLY A 162 3.23 -25.29 -7.64
C GLY A 162 3.30 -23.95 -6.93
N VAL A 163 4.06 -23.88 -5.85
CA VAL A 163 4.22 -22.61 -5.14
C VAL A 163 5.00 -21.62 -5.98
N ASP A 164 6.04 -22.09 -6.69
CA ASP A 164 6.83 -21.18 -7.52
C ASP A 164 6.03 -20.68 -8.71
N MET A 165 5.26 -21.56 -9.35
CA MET A 165 4.42 -21.13 -10.47
C MET A 165 3.38 -20.12 -10.00
N ALA A 166 2.62 -20.48 -8.96
CA ALA A 166 1.60 -19.56 -8.47
C ALA A 166 2.19 -18.23 -8.01
N MET A 167 3.43 -18.24 -7.52
CA MET A 167 4.05 -16.99 -7.10
C MET A 167 4.29 -16.07 -8.29
N ARG A 168 4.86 -16.60 -9.37
CA ARG A 168 5.06 -15.79 -10.57
C ARG A 168 3.73 -15.33 -11.15
N LEU A 169 2.73 -16.21 -11.17
CA LEU A 169 1.47 -15.86 -11.80
C LEU A 169 0.76 -14.73 -11.06
N MET A 170 0.72 -14.79 -9.73
CA MET A 170 0.05 -13.73 -8.98
C MET A 170 0.91 -12.48 -8.86
N GLY A 171 2.24 -12.65 -8.91
CA GLY A 171 3.16 -11.56 -8.75
C GLY A 171 3.38 -10.71 -9.97
N GLU A 172 3.00 -11.21 -11.15
CA GLU A 172 3.24 -10.46 -12.39
C GLU A 172 2.66 -9.06 -12.31
N GLN A 173 1.41 -8.94 -11.86
CA GLN A 173 0.73 -7.64 -11.84
C GLN A 173 1.43 -6.61 -10.96
N PHE A 174 2.33 -7.03 -10.07
CA PHE A 174 2.97 -6.09 -9.16
C PHE A 174 4.37 -5.70 -9.58
N VAL A 175 4.85 -6.21 -10.70
CA VAL A 175 6.23 -5.98 -11.14
C VAL A 175 6.19 -5.16 -12.43
N THR A 176 7.05 -4.15 -12.49
CA THR A 176 7.07 -3.27 -13.66
C THR A 176 8.06 -3.71 -14.72
N GLY A 177 8.99 -4.60 -14.37
CA GLY A 177 9.96 -5.10 -15.33
C GLY A 177 11.02 -5.94 -14.67
N GLU A 178 11.68 -6.81 -15.44
CA GLU A 178 12.72 -7.68 -14.91
C GLU A 178 14.04 -6.96 -14.73
N THR A 179 14.31 -5.93 -15.53
CA THR A 179 15.52 -5.14 -15.43
C THR A 179 15.12 -3.67 -15.36
N ILE A 180 16.00 -2.86 -14.78
CA ILE A 180 15.69 -1.44 -14.63
C ILE A 180 15.47 -0.80 -15.98
N ALA A 181 16.23 -1.21 -16.99
CA ALA A 181 16.08 -0.65 -18.34
C ALA A 181 14.69 -0.93 -18.89
N GLU A 182 14.19 -2.14 -18.70
CA GLU A 182 12.86 -2.49 -19.18
C GLU A 182 11.80 -1.60 -18.54
N ALA A 183 11.90 -1.41 -17.21
CA ALA A 183 10.89 -0.62 -16.51
C ALA A 183 11.01 0.86 -16.84
N LEU A 184 12.24 1.36 -16.99
CA LEU A 184 12.41 2.77 -17.34
C LEU A 184 11.75 3.08 -18.67
N ALA A 185 11.81 2.14 -19.62
CA ALA A 185 11.20 2.36 -20.93
C ALA A 185 9.68 2.41 -20.86
N ASN A 186 9.08 1.96 -19.76
CA ASN A 186 7.65 2.06 -19.57
C ASN A 186 7.24 3.34 -18.84
N ALA A 187 8.19 4.24 -18.56
CA ALA A 187 7.93 5.33 -17.65
C ALA A 187 7.12 6.45 -18.27
N ARG A 188 7.29 6.71 -19.57
CA ARG A 188 6.73 7.90 -20.20
C ARG A 188 5.19 7.91 -20.14
N LYS A 189 4.56 6.77 -20.42
CA LYS A 189 3.10 6.70 -20.52
C LYS A 189 2.41 7.43 -19.36
N LEU A 190 2.68 7.01 -18.13
CA LEU A 190 2.07 7.66 -16.99
C LEU A 190 2.81 8.93 -16.54
N GLU A 191 4.09 9.06 -16.89
CA GLU A 191 4.81 10.26 -16.50
C GLU A 191 4.33 11.47 -17.30
N GLU A 192 4.00 11.27 -18.57
CA GLU A 192 3.39 12.36 -19.33
C GLU A 192 2.02 12.71 -18.78
N LYS A 193 1.35 11.76 -18.13
CA LYS A 193 0.09 12.05 -17.46
C LYS A 193 0.30 12.74 -16.12
N GLY A 194 1.54 12.95 -15.70
CA GLY A 194 1.83 13.57 -14.42
C GLY A 194 2.16 12.63 -13.26
N PHE A 195 2.37 11.35 -13.52
CA PHE A 195 2.82 10.46 -12.45
C PHE A 195 4.34 10.58 -12.27
N ARG A 196 4.80 10.19 -11.09
CA ARG A 196 6.22 10.01 -10.86
C ARG A 196 6.49 8.55 -10.47
N TYR A 197 7.77 8.19 -10.42
CA TYR A 197 8.17 6.82 -10.16
C TYR A 197 9.22 6.76 -9.05
N SER A 198 9.14 5.71 -8.25
CA SER A 198 10.22 5.30 -7.34
C SER A 198 10.50 3.83 -7.62
N TYR A 199 11.70 3.52 -8.12
CA TYR A 199 12.03 2.16 -8.52
C TYR A 199 12.66 1.39 -7.37
N ASP A 200 12.22 0.15 -7.22
CA ASP A 200 12.70 -0.76 -6.19
C ASP A 200 13.29 -1.99 -6.88
N MET A 201 14.61 -2.16 -6.74
CA MET A 201 15.26 -3.38 -7.16
C MET A 201 14.90 -4.45 -6.15
N LEU A 202 13.91 -5.29 -6.50
CA LEU A 202 13.46 -6.36 -5.62
C LEU A 202 14.64 -7.14 -5.05
N GLY A 203 14.55 -7.44 -3.76
CA GLY A 203 15.59 -8.17 -3.05
C GLY A 203 15.73 -7.63 -1.64
N GLU A 204 15.89 -8.52 -0.66
CA GLU A 204 15.94 -8.10 0.73
C GLU A 204 16.56 -9.23 1.54
N ALA A 205 16.85 -8.94 2.81
CA ALA A 205 17.36 -9.91 3.77
C ALA A 205 18.52 -10.72 3.20
N ALA A 206 19.60 -10.02 2.89
CA ALA A 206 20.80 -10.70 2.40
C ALA A 206 21.35 -11.60 3.49
N LEU A 207 21.64 -12.85 3.14
CA LEU A 207 22.14 -13.81 4.12
C LEU A 207 23.66 -13.98 4.09
N THR A 208 24.32 -13.60 2.99
CA THR A 208 25.77 -13.75 2.90
C THR A 208 26.39 -12.44 2.45
N ALA A 209 27.70 -12.33 2.65
CA ALA A 209 28.43 -11.17 2.13
C ALA A 209 28.25 -11.07 0.62
N ALA A 210 28.30 -12.21 -0.08
CA ALA A 210 28.10 -12.21 -1.52
C ALA A 210 26.73 -11.67 -1.91
N ASP A 211 25.69 -12.03 -1.15
CA ASP A 211 24.33 -11.53 -1.44
C ASP A 211 24.30 -10.01 -1.39
N ALA A 212 24.75 -9.43 -0.28
CA ALA A 212 24.67 -8.00 -0.11
C ALA A 212 25.54 -7.27 -1.13
N GLN A 213 26.69 -7.83 -1.46
CA GLN A 213 27.51 -7.27 -2.54
C GLN A 213 26.74 -7.23 -3.85
N ALA A 214 26.12 -8.36 -4.23
CA ALA A 214 25.33 -8.37 -5.45
C ALA A 214 24.24 -7.31 -5.41
N TYR A 215 23.54 -7.18 -4.27
CA TYR A 215 22.49 -6.15 -4.17
C TYR A 215 23.08 -4.76 -4.28
N MET A 216 24.27 -4.54 -3.70
CA MET A 216 24.90 -3.23 -3.80
C MET A 216 25.14 -2.86 -5.27
N VAL A 217 25.66 -3.80 -6.05
CA VAL A 217 25.92 -3.57 -7.47
C VAL A 217 24.60 -3.41 -8.23
N SER A 218 23.56 -4.13 -7.83
CA SER A 218 22.26 -3.95 -8.45
C SER A 218 21.70 -2.54 -8.20
N TYR A 219 21.94 -2.00 -7.00
CA TYR A 219 21.45 -0.66 -6.67
C TYR A 219 22.24 0.42 -7.41
N GLN A 220 23.58 0.27 -7.45
CA GLN A 220 24.42 1.23 -8.15
C GLN A 220 24.05 1.33 -9.62
N GLN A 221 23.98 0.18 -10.30
CA GLN A 221 23.56 0.16 -11.69
C GLN A 221 22.18 0.80 -11.87
N ALA A 222 21.28 0.60 -10.91
CA ALA A 222 19.96 1.18 -11.04
C ALA A 222 20.02 2.70 -10.96
N ILE A 223 20.86 3.24 -10.07
CA ILE A 223 20.95 4.68 -9.89
C ILE A 223 21.47 5.33 -11.17
N HIS A 224 22.56 4.79 -11.74
CA HIS A 224 23.05 5.28 -13.03
C HIS A 224 21.94 5.30 -14.08
N ALA A 225 21.21 4.18 -14.20
CA ALA A 225 20.15 4.10 -15.21
C ALA A 225 19.00 5.07 -14.90
N ILE A 226 18.58 5.16 -13.64
CA ILE A 226 17.46 6.04 -13.31
C ILE A 226 17.86 7.50 -13.44
N GLY A 227 19.12 7.82 -13.09
CA GLY A 227 19.57 9.19 -13.13
C GLY A 227 19.82 9.72 -14.53
N LYS A 228 20.28 8.86 -15.44
CA LYS A 228 20.38 9.27 -16.83
C LYS A 228 18.99 9.45 -17.45
N ALA A 229 18.02 8.64 -17.04
CA ALA A 229 16.65 8.88 -17.49
C ALA A 229 16.07 10.15 -16.88
N SER A 230 16.39 10.43 -15.61
CA SER A 230 15.89 11.64 -14.98
C SER A 230 16.34 12.88 -15.76
N ASN A 231 17.64 12.96 -16.03
CA ASN A 231 18.19 13.94 -16.98
C ASN A 231 17.97 15.37 -16.48
N GLY A 232 18.16 15.58 -15.17
CA GLY A 232 18.11 16.90 -14.56
C GLY A 232 16.77 17.30 -13.99
N ARG A 233 15.72 16.50 -14.20
CA ARG A 233 14.37 16.82 -13.75
C ARG A 233 14.23 16.94 -12.23
N GLY A 234 15.25 16.56 -11.46
CA GLY A 234 15.24 16.82 -10.04
C GLY A 234 14.41 15.82 -9.25
N ILE A 235 14.50 15.97 -7.92
CA ILE A 235 13.97 14.98 -6.98
C ILE A 235 12.45 14.96 -6.91
N TYR A 236 11.79 16.04 -7.31
CA TYR A 236 10.32 16.10 -7.19
C TYR A 236 9.65 15.54 -8.43
N GLU A 237 10.00 16.06 -9.61
CA GLU A 237 9.36 15.66 -10.85
C GLU A 237 10.00 14.41 -11.47
N GLY A 238 11.29 14.19 -11.24
CA GLY A 238 11.98 13.07 -11.84
C GLY A 238 11.89 11.81 -11.01
N PRO A 239 12.27 10.67 -11.60
CA PRO A 239 12.19 9.40 -10.89
C PRO A 239 13.20 9.31 -9.75
N GLY A 240 12.88 8.47 -8.78
CA GLY A 240 13.80 8.15 -7.70
C GLY A 240 13.96 6.65 -7.53
N ILE A 241 14.80 6.30 -6.57
CA ILE A 241 15.07 4.91 -6.22
C ILE A 241 14.65 4.69 -4.76
N SER A 242 14.23 3.45 -4.47
CA SER A 242 13.95 3.00 -3.11
C SER A 242 14.89 1.85 -2.78
N ILE A 243 15.46 1.88 -1.59
CA ILE A 243 16.41 0.85 -1.19
C ILE A 243 15.97 0.26 0.15
N LYS A 244 16.33 -1.01 0.35
CA LYS A 244 16.10 -1.69 1.62
C LYS A 244 17.46 -1.97 2.27
N LEU A 245 17.63 -1.46 3.48
CA LEU A 245 18.87 -1.67 4.22
C LEU A 245 19.18 -3.16 4.38
N SER A 246 18.15 -3.99 4.58
CA SER A 246 18.40 -5.42 4.78
C SER A 246 19.09 -6.04 3.57
N ALA A 247 18.94 -5.44 2.37
CA ALA A 247 19.63 -5.98 1.20
C ALA A 247 21.12 -5.68 1.19
N LEU A 248 21.57 -4.73 2.00
CA LEU A 248 22.92 -4.20 1.89
C LEU A 248 23.87 -4.77 2.92
N HIS A 249 23.36 -5.48 3.93
CA HIS A 249 24.18 -6.03 4.99
C HIS A 249 23.75 -7.48 5.24
N PRO A 250 24.70 -8.39 5.41
CA PRO A 250 24.35 -9.80 5.59
C PRO A 250 23.76 -10.03 6.97
N ARG A 251 22.60 -10.69 7.02
CA ARG A 251 21.95 -11.02 8.29
C ARG A 251 21.53 -9.76 9.04
N TYR A 252 21.11 -8.72 8.29
CA TYR A 252 20.67 -7.45 8.88
C TYR A 252 19.81 -7.67 10.11
N SER A 253 18.95 -8.71 10.08
CA SER A 253 17.95 -8.91 11.14
C SER A 253 18.57 -8.92 12.53
N ARG A 254 19.77 -9.51 12.68
CA ARG A 254 20.41 -9.59 13.99
C ARG A 254 21.74 -8.84 14.03
N ALA A 255 21.94 -7.85 13.16
CA ALA A 255 23.26 -7.22 13.02
C ALA A 255 23.57 -6.30 14.19
N GLN A 256 24.80 -6.41 14.69
CA GLN A 256 25.28 -5.54 15.76
C GLN A 256 25.48 -4.10 15.26
N TYR A 257 25.41 -3.15 16.20
CA TYR A 257 25.50 -1.73 15.85
C TYR A 257 26.86 -1.39 15.25
N ASP A 258 27.96 -1.89 15.84
CA ASP A 258 29.29 -1.51 15.38
C ASP A 258 29.57 -2.06 13.99
N ARG A 259 29.09 -3.26 13.69
CA ARG A 259 29.30 -3.81 12.35
C ARG A 259 28.47 -3.08 11.31
N VAL A 260 27.29 -2.57 11.67
CA VAL A 260 26.45 -1.90 10.70
C VAL A 260 27.06 -0.57 10.30
N MET A 261 27.51 0.21 11.29
CA MET A 261 28.21 1.45 11.00
C MET A 261 29.45 1.22 10.16
N GLU A 262 30.23 0.18 10.48
CA GLU A 262 31.48 -0.01 9.76
C GLU A 262 31.24 -0.48 8.33
N GLU A 263 30.17 -1.24 8.11
CA GLU A 263 30.00 -1.93 6.83
C GLU A 263 28.76 -1.48 6.05
N LEU A 264 27.61 -1.32 6.69
CA LEU A 264 26.45 -0.89 5.94
C LEU A 264 26.53 0.59 5.58
N TYR A 265 26.88 1.42 6.56
CA TYR A 265 26.83 2.87 6.38
C TYR A 265 27.63 3.34 5.18
N PRO A 266 28.88 2.92 4.95
CA PRO A 266 29.59 3.40 3.76
C PRO A 266 28.92 2.99 2.45
N ARG A 267 28.10 1.93 2.45
CA ARG A 267 27.36 1.59 1.24
C ARG A 267 26.15 2.50 1.07
N LEU A 268 25.45 2.81 2.16
CA LEU A 268 24.37 3.78 2.09
C LEU A 268 24.89 5.15 1.65
N LYS A 269 25.96 5.62 2.29
CA LYS A 269 26.61 6.86 1.89
C LYS A 269 26.99 6.83 0.42
N SER A 270 27.61 5.75 -0.04
CA SER A 270 28.06 5.72 -1.43
C SER A 270 26.88 5.81 -2.38
N LEU A 271 25.76 5.14 -2.06
CA LEU A 271 24.60 5.17 -2.94
C LEU A 271 23.94 6.55 -2.93
N THR A 272 23.97 7.23 -1.79
CA THR A 272 23.29 8.52 -1.67
C THR A 272 24.08 9.61 -2.39
N LEU A 273 25.41 9.61 -2.24
CA LEU A 273 26.27 10.49 -3.03
C LEU A 273 25.99 10.32 -4.51
N LEU A 274 25.93 9.07 -4.97
CA LEU A 274 25.66 8.83 -6.37
C LEU A 274 24.29 9.38 -6.78
N ALA A 275 23.28 9.18 -5.93
CA ALA A 275 21.97 9.76 -6.23
C ALA A 275 22.03 11.28 -6.32
N ARG A 276 22.87 11.90 -5.49
CA ARG A 276 22.97 13.35 -5.50
C ARG A 276 23.59 13.84 -6.80
N GLN A 277 24.64 13.16 -7.28
CA GLN A 277 25.25 13.51 -8.56
C GLN A 277 24.22 13.55 -9.67
N TYR A 278 23.23 12.66 -9.64
CA TYR A 278 22.17 12.64 -10.62
C TYR A 278 20.97 13.47 -10.18
N ASP A 279 21.01 14.01 -8.97
CA ASP A 279 19.92 14.77 -8.38
C ASP A 279 18.60 13.99 -8.45
N ILE A 280 18.62 12.75 -7.97
CA ILE A 280 17.41 11.93 -7.90
C ILE A 280 17.13 11.58 -6.44
N GLY A 281 15.86 11.36 -6.15
CA GLY A 281 15.47 10.97 -4.80
C GLY A 281 15.90 9.56 -4.47
N ILE A 282 16.39 9.38 -3.25
CA ILE A 282 16.81 8.08 -2.75
C ILE A 282 16.12 7.86 -1.42
N ASN A 283 15.26 6.85 -1.36
CA ASN A 283 14.37 6.61 -0.24
C ASN A 283 14.77 5.34 0.49
N ILE A 284 14.80 5.41 1.83
CA ILE A 284 15.11 4.26 2.66
C ILE A 284 13.81 3.60 3.13
N ASP A 285 13.48 2.44 2.55
CA ASP A 285 12.25 1.74 2.94
C ASP A 285 12.29 1.34 4.40
N ALA A 286 11.11 1.29 5.01
CA ALA A 286 10.98 0.82 6.39
C ALA A 286 10.66 -0.68 6.39
N GLU A 287 11.33 -1.41 7.27
CA GLU A 287 11.17 -2.86 7.34
C GLU A 287 10.66 -3.28 8.72
N GLU A 288 11.14 -4.39 9.28
CA GLU A 288 10.62 -4.84 10.55
C GLU A 288 10.94 -3.85 11.65
N SER A 289 10.10 -3.85 12.71
CA SER A 289 10.18 -2.82 13.73
C SER A 289 11.44 -2.93 14.60
N ASP A 290 12.09 -4.08 14.67
CA ASP A 290 13.27 -4.14 15.51
C ASP A 290 14.47 -3.46 14.85
N ARG A 291 14.31 -3.00 13.61
CA ARG A 291 15.34 -2.29 12.87
C ARG A 291 15.09 -0.79 12.78
N LEU A 292 14.00 -0.30 13.38
CA LEU A 292 13.74 1.14 13.37
C LEU A 292 14.89 1.91 14.00
N GLU A 293 15.33 1.47 15.19
CA GLU A 293 16.37 2.20 15.91
C GLU A 293 17.64 2.35 15.08
N ILE A 294 18.14 1.25 14.52
CA ILE A 294 19.42 1.34 13.80
C ILE A 294 19.25 2.14 12.51
N SER A 295 18.06 2.13 11.91
CA SER A 295 17.90 2.91 10.69
C SER A 295 17.89 4.41 11.01
N LEU A 296 17.45 4.79 12.21
CA LEU A 296 17.54 6.18 12.61
C LEU A 296 19.01 6.61 12.80
N ASP A 297 19.84 5.71 13.32
CA ASP A 297 21.27 5.99 13.50
C ASP A 297 21.97 6.16 12.16
N LEU A 298 21.62 5.34 11.17
CA LEU A 298 22.21 5.51 9.85
C LEU A 298 21.73 6.81 9.21
N LEU A 299 20.44 7.14 9.41
CA LEU A 299 19.89 8.36 8.84
C LEU A 299 20.54 9.60 9.45
N GLU A 300 20.69 9.61 10.79
CA GLU A 300 21.32 10.72 11.49
C GLU A 300 22.71 10.98 10.92
N LYS A 301 23.49 9.92 10.73
CA LYS A 301 24.84 10.09 10.19
C LYS A 301 24.78 10.56 8.73
N LEU A 302 23.92 9.94 7.92
CA LEU A 302 23.88 10.28 6.51
C LEU A 302 23.60 11.77 6.31
N CYS A 303 22.69 12.33 7.11
CA CYS A 303 22.24 13.71 6.95
C CYS A 303 23.33 14.73 7.22
N PHE A 304 24.44 14.35 7.84
CA PHE A 304 25.49 15.30 8.19
C PHE A 304 26.74 15.11 7.33
N GLU A 305 26.63 14.37 6.23
CA GLU A 305 27.76 14.26 5.32
C GLU A 305 27.95 15.59 4.59
N PRO A 306 29.18 16.15 4.61
CA PRO A 306 29.42 17.40 3.87
C PRO A 306 29.04 17.32 2.41
N GLU A 307 29.30 16.19 1.74
CA GLU A 307 28.97 16.11 0.31
C GLU A 307 27.48 16.11 0.05
N LEU A 308 26.65 16.05 1.09
CA LEU A 308 25.21 16.11 0.95
C LEU A 308 24.62 17.40 1.50
N ALA A 309 25.46 18.34 1.91
CA ALA A 309 24.92 19.60 2.42
C ALA A 309 24.17 20.32 1.31
N GLY A 310 23.03 20.92 1.69
CA GLY A 310 22.22 21.69 0.77
C GLY A 310 21.38 20.85 -0.17
N TRP A 311 21.33 19.53 0.00
CA TRP A 311 20.62 18.65 -0.92
C TRP A 311 19.49 17.96 -0.17
N ASN A 312 18.31 17.92 -0.79
CA ASN A 312 17.08 17.50 -0.12
C ASN A 312 16.53 16.19 -0.70
N GLY A 313 17.40 15.38 -1.31
CA GLY A 313 16.96 14.16 -1.94
C GLY A 313 16.84 12.96 -1.02
N ILE A 314 17.23 13.08 0.23
CA ILE A 314 17.21 11.93 1.13
C ILE A 314 15.77 11.68 1.53
N GLY A 315 15.31 10.45 1.34
CA GLY A 315 13.95 10.06 1.65
C GLY A 315 13.95 9.01 2.74
N PHE A 316 12.92 9.03 3.57
CA PHE A 316 12.83 8.08 4.68
C PHE A 316 11.37 7.67 4.89
N VAL A 317 11.11 6.36 5.03
CA VAL A 317 9.76 5.87 5.24
C VAL A 317 9.50 5.76 6.73
N ILE A 318 8.31 6.19 7.18
CA ILE A 318 7.84 5.95 8.54
C ILE A 318 6.48 5.23 8.50
N GLN A 319 6.28 4.30 9.44
CA GLN A 319 5.13 3.38 9.46
C GLN A 319 4.14 3.75 10.56
N ALA A 320 2.94 4.20 10.18
CA ALA A 320 1.96 4.67 11.14
C ALA A 320 1.35 3.56 12.00
N TYR A 321 1.48 2.29 11.61
CA TYR A 321 0.95 1.26 12.50
C TYR A 321 1.85 1.06 13.72
N GLN A 322 3.01 1.71 13.79
CA GLN A 322 3.84 1.64 14.99
C GLN A 322 3.44 2.71 16.00
N LYS A 323 3.47 2.32 17.28
CA LYS A 323 3.23 3.28 18.34
C LYS A 323 4.27 4.41 18.39
N ARG A 324 5.47 4.17 17.83
CA ARG A 324 6.55 5.15 17.89
C ARG A 324 6.45 6.21 16.81
N CYS A 325 5.62 6.00 15.79
CA CYS A 325 5.61 6.87 14.62
C CYS A 325 5.52 8.35 14.94
N PRO A 326 4.58 8.83 15.78
CA PRO A 326 4.53 10.27 16.04
C PRO A 326 5.80 10.78 16.70
N LEU A 327 6.40 10.00 17.60
CA LEU A 327 7.66 10.39 18.21
C LEU A 327 8.81 10.37 17.21
N VAL A 328 8.76 9.47 16.22
CA VAL A 328 9.75 9.48 15.16
C VAL A 328 9.63 10.76 14.37
N ILE A 329 8.42 11.27 14.22
CA ILE A 329 8.23 12.51 13.48
C ILE A 329 8.86 13.69 14.22
N ASP A 330 8.70 13.77 15.55
CA ASP A 330 9.36 14.87 16.27
C ASP A 330 10.87 14.76 16.14
N TYR A 331 11.40 13.53 16.16
CA TYR A 331 12.83 13.35 15.93
C TYR A 331 13.20 13.84 14.53
N LEU A 332 12.39 13.48 13.52
CA LEU A 332 12.74 13.83 12.15
C LEU A 332 12.66 15.33 11.93
N ILE A 333 11.72 15.99 12.60
CA ILE A 333 11.60 17.43 12.49
C ILE A 333 12.85 18.09 13.05
N ASP A 334 13.32 17.63 14.21
CA ASP A 334 14.54 18.16 14.80
C ASP A 334 15.77 17.86 13.94
N LEU A 335 15.78 16.73 13.23
CA LEU A 335 16.94 16.36 12.43
C LEU A 335 17.03 17.23 11.19
N ALA A 336 15.90 17.50 10.55
CA ALA A 336 15.88 18.38 9.40
C ALA A 336 16.35 19.78 9.78
N THR A 337 16.01 20.25 10.98
CA THR A 337 16.48 21.54 11.43
C THR A 337 17.98 21.53 11.66
N ARG A 338 18.46 20.60 12.51
CA ARG A 338 19.88 20.56 12.85
C ARG A 338 20.78 20.36 11.64
N SER A 339 20.29 19.68 10.59
CA SER A 339 21.10 19.34 9.43
C SER A 339 20.76 20.19 8.22
N ARG A 340 19.82 21.12 8.36
CA ARG A 340 19.50 22.16 7.38
C ARG A 340 19.14 21.55 6.01
N ARG A 341 18.04 20.78 6.02
CA ARG A 341 17.54 20.19 4.79
CA ARG A 341 17.52 20.23 4.78
C ARG A 341 16.04 19.96 4.93
N ARG A 342 15.39 19.76 3.79
CA ARG A 342 14.01 19.31 3.73
C ARG A 342 14.06 17.78 3.53
N LEU A 343 13.44 17.04 4.44
CA LEU A 343 13.43 15.58 4.33
C LEU A 343 12.23 15.11 3.52
N MET A 344 12.46 14.13 2.63
CA MET A 344 11.38 13.47 1.91
C MET A 344 10.87 12.32 2.79
N ILE A 345 9.66 12.44 3.32
CA ILE A 345 9.16 11.49 4.31
C ILE A 345 7.94 10.79 3.73
N ARG A 346 8.07 9.50 3.43
CA ARG A 346 6.93 8.70 2.99
C ARG A 346 6.22 8.18 4.23
N LEU A 347 4.99 8.63 4.45
CA LEU A 347 4.15 8.09 5.50
C LEU A 347 3.35 6.92 4.95
N VAL A 348 3.49 5.76 5.60
CA VAL A 348 2.74 4.56 5.23
C VAL A 348 2.09 3.98 6.48
N LYS A 349 1.12 3.10 6.26
CA LYS A 349 0.60 2.36 7.40
C LYS A 349 1.58 1.26 7.80
N GLY A 350 1.91 0.37 6.87
CA GLY A 350 2.93 -0.64 7.11
C GLY A 350 2.61 -1.97 6.48
N ALA A 351 3.67 -2.72 6.14
CA ALA A 351 3.57 -3.90 5.31
C ALA A 351 3.76 -5.22 6.05
N TYR A 352 4.27 -5.19 7.29
CA TYR A 352 4.71 -6.39 7.99
C TYR A 352 3.85 -6.69 9.21
N TRP A 353 2.58 -6.33 9.16
CA TRP A 353 1.74 -6.40 10.36
C TRP A 353 1.60 -7.84 10.88
N ASP A 354 1.35 -8.81 10.01
CA ASP A 354 1.20 -10.19 10.48
C ASP A 354 2.48 -10.68 11.18
N SER A 355 3.64 -10.37 10.58
CA SER A 355 4.91 -10.75 11.18
C SER A 355 5.16 -10.02 12.49
N GLU A 356 4.79 -8.74 12.58
CA GLU A 356 4.98 -8.05 13.85
C GLU A 356 4.20 -8.76 14.97
N ILE A 357 2.91 -9.06 14.73
CA ILE A 357 2.09 -9.70 15.77
C ILE A 357 2.71 -11.03 16.19
N LYS A 358 3.01 -11.89 15.21
CA LYS A 358 3.60 -13.20 15.53
C LYS A 358 4.95 -13.05 16.22
N ARG A 359 5.77 -12.08 15.77
CA ARG A 359 7.07 -11.88 16.41
C ARG A 359 6.92 -11.48 17.87
N ALA A 360 6.01 -10.55 18.16
CA ALA A 360 5.84 -10.10 19.54
C ALA A 360 5.28 -11.19 20.45
N GLN A 361 4.46 -12.10 19.91
CA GLN A 361 3.90 -13.17 20.74
C GLN A 361 4.94 -14.21 21.10
N MET A 362 5.91 -14.44 20.21
CA MET A 362 6.99 -15.38 20.52
C MET A 362 7.96 -14.82 21.54
N ASP A 363 8.15 -13.50 21.56
CA ASP A 363 9.08 -12.90 22.52
C ASP A 363 8.46 -12.72 23.90
N GLY A 364 7.14 -12.74 24.01
CA GLY A 364 6.46 -12.64 25.30
C GLY A 364 6.78 -11.38 26.09
N LEU A 365 6.86 -10.23 25.42
CA LEU A 365 7.25 -8.98 26.04
C LEU A 365 6.02 -8.20 26.53
N GLU A 366 6.24 -6.97 26.99
CA GLU A 366 5.18 -6.17 27.63
C GLU A 366 3.99 -5.97 26.70
N GLY A 367 4.23 -5.72 25.42
CA GLY A 367 3.14 -5.54 24.49
C GLY A 367 3.58 -5.61 23.05
N TYR A 368 2.75 -5.05 22.17
CA TYR A 368 3.05 -5.00 20.75
C TYR A 368 3.67 -3.66 20.38
N PRO A 369 4.58 -3.62 19.40
CA PRO A 369 5.06 -2.36 18.85
C PRO A 369 4.14 -1.76 17.81
N VAL A 370 3.08 -2.47 17.42
CA VAL A 370 2.12 -1.99 16.44
C VAL A 370 0.74 -1.99 17.10
N TYR A 371 -0.21 -1.32 16.44
CA TYR A 371 -1.60 -1.43 16.87
C TYR A 371 -2.16 -2.81 16.50
N THR A 372 -3.24 -3.21 17.19
CA THR A 372 -3.90 -4.49 16.94
C THR A 372 -5.26 -4.39 16.27
N ARG A 373 -5.84 -3.18 16.18
CA ARG A 373 -7.05 -2.93 15.40
C ARG A 373 -6.71 -2.04 14.23
N LYS A 374 -7.17 -2.41 13.04
CA LYS A 374 -6.81 -1.66 11.84
C LYS A 374 -7.20 -0.19 11.99
N VAL A 375 -8.34 0.08 12.61
CA VAL A 375 -8.84 1.45 12.71
C VAL A 375 -7.88 2.33 13.52
N TYR A 376 -7.13 1.75 14.45
CA TYR A 376 -6.14 2.53 15.21
C TYR A 376 -5.02 3.00 14.30
N THR A 377 -4.60 2.15 13.35
CA THR A 377 -3.58 2.54 12.39
C THR A 377 -4.06 3.69 11.52
N ASP A 378 -5.33 3.65 11.10
CA ASP A 378 -5.93 4.76 10.36
C ASP A 378 -5.87 6.06 11.17
N VAL A 379 -6.25 6.01 12.46
CA VAL A 379 -6.16 7.20 13.30
C VAL A 379 -4.72 7.67 13.44
N SER A 380 -3.79 6.72 13.61
CA SER A 380 -2.38 7.08 13.69
C SER A 380 -1.91 7.77 12.42
N TYR A 381 -2.34 7.27 11.26
CA TYR A 381 -1.93 7.85 9.98
C TYR A 381 -2.45 9.28 9.83
N LEU A 382 -3.68 9.56 10.27
CA LEU A 382 -4.20 10.92 10.10
C LEU A 382 -3.53 11.89 11.06
N ALA A 383 -3.26 11.46 12.30
CA ALA A 383 -2.52 12.31 13.23
C ALA A 383 -1.11 12.59 12.72
N CYS A 384 -0.44 11.58 12.17
CA CYS A 384 0.92 11.78 11.69
C CYS A 384 0.93 12.68 10.47
N ALA A 385 -0.08 12.53 9.61
CA ALA A 385 -0.17 13.38 8.43
C ALA A 385 -0.28 14.84 8.83
N LYS A 386 -1.08 15.14 9.86
CA LYS A 386 -1.19 16.52 10.35
C LYS A 386 0.16 17.04 10.83
N LYS A 387 0.91 16.22 11.57
CA LYS A 387 2.23 16.65 12.02
C LYS A 387 3.14 16.95 10.83
N LEU A 388 3.03 16.18 9.75
CA LEU A 388 3.95 16.37 8.63
C LEU A 388 3.61 17.62 7.85
N LEU A 389 2.31 17.86 7.60
CA LEU A 389 1.85 19.00 6.84
C LEU A 389 2.06 20.31 7.58
N ALA A 390 2.31 20.25 8.88
CA ALA A 390 2.50 21.49 9.61
C ALA A 390 3.87 22.13 9.37
N VAL A 391 4.82 21.41 8.77
CA VAL A 391 6.22 21.88 8.67
C VAL A 391 6.72 21.77 7.23
N PRO A 392 6.12 22.48 6.26
CA PRO A 392 6.54 22.32 4.87
C PRO A 392 7.98 22.75 4.61
N ASN A 393 8.58 23.57 5.47
CA ASN A 393 9.98 23.95 5.31
C ASN A 393 10.93 22.82 5.68
N LEU A 394 10.49 21.87 6.49
CA LEU A 394 11.37 20.82 6.99
C LEU A 394 11.12 19.47 6.35
N ILE A 395 9.95 19.25 5.76
CA ILE A 395 9.51 17.91 5.34
C ILE A 395 8.65 18.03 4.10
N TYR A 396 8.95 17.20 3.09
CA TYR A 396 8.08 17.02 1.94
C TYR A 396 7.31 15.71 2.15
N PRO A 397 6.04 15.76 2.55
CA PRO A 397 5.33 14.52 2.91
C PRO A 397 4.92 13.75 1.67
N GLN A 398 5.07 12.43 1.73
CA GLN A 398 4.68 11.54 0.65
C GLN A 398 3.69 10.54 1.21
N PHE A 399 2.41 10.71 0.87
CA PHE A 399 1.34 9.96 1.50
C PHE A 399 1.04 8.73 0.65
N ALA A 400 1.56 7.59 1.07
CA ALA A 400 1.36 6.35 0.34
C ALA A 400 0.08 5.69 0.85
N THR A 401 -0.91 5.55 -0.01
CA THR A 401 -2.15 4.86 0.38
C THR A 401 -2.98 4.50 -0.84
N HIS A 402 -3.76 3.42 -0.70
CA HIS A 402 -4.76 3.03 -1.69
C HIS A 402 -6.17 3.21 -1.14
N ASN A 403 -6.30 3.85 0.02
CA ASN A 403 -7.57 3.98 0.72
C ASN A 403 -8.19 5.32 0.33
N ALA A 404 -9.41 5.25 -0.22
CA ALA A 404 -10.08 6.45 -0.73
C ALA A 404 -10.32 7.46 0.37
N HIS A 405 -10.65 7.00 1.58
CA HIS A 405 -10.87 7.97 2.64
C HIS A 405 -9.54 8.61 3.07
N THR A 406 -8.49 7.80 3.23
CA THR A 406 -7.20 8.33 3.65
C THR A 406 -6.73 9.42 2.69
N LEU A 407 -6.84 9.16 1.38
CA LEU A 407 -6.47 10.15 0.38
C LEU A 407 -7.33 11.40 0.52
N ALA A 408 -8.65 11.24 0.65
CA ALA A 408 -9.55 12.38 0.70
C ALA A 408 -9.31 13.20 1.96
N ALA A 409 -9.00 12.54 3.07
CA ALA A 409 -8.70 13.28 4.30
C ALA A 409 -7.39 14.07 4.18
N ILE A 410 -6.38 13.49 3.54
CA ILE A 410 -5.13 14.23 3.32
C ILE A 410 -5.37 15.41 2.38
N TYR A 411 -6.13 15.19 1.31
CA TYR A 411 -6.47 16.29 0.40
C TYR A 411 -7.05 17.47 1.15
N GLN A 412 -7.99 17.22 2.08
CA GLN A 412 -8.59 18.32 2.84
C GLN A 412 -7.63 18.85 3.91
N LEU A 413 -6.95 17.95 4.63
CA LEU A 413 -6.03 18.40 5.67
C LEU A 413 -4.96 19.33 5.13
N ALA A 414 -4.52 19.14 3.89
CA ALA A 414 -3.44 19.94 3.35
C ALA A 414 -3.85 21.39 3.07
N GLY A 415 -5.14 21.70 3.17
CA GLY A 415 -5.60 23.08 3.09
C GLY A 415 -5.77 23.57 1.67
N GLN A 416 -6.38 24.75 1.56
CA GLN A 416 -6.42 25.39 0.26
C GLN A 416 -5.03 25.84 -0.15
N ASN A 417 -4.89 26.13 -1.43
CA ASN A 417 -3.68 26.73 -1.99
C ASN A 417 -2.56 25.68 -2.08
N TYR A 418 -2.91 24.53 -2.65
CA TYR A 418 -1.93 23.53 -3.01
C TYR A 418 -0.87 24.12 -3.96
N TYR A 419 0.38 23.73 -3.76
CA TYR A 419 1.45 23.96 -4.72
C TYR A 419 2.22 22.65 -4.89
N PRO A 420 2.71 22.35 -6.09
CA PRO A 420 3.19 20.96 -6.37
C PRO A 420 4.16 20.41 -5.33
N GLY A 421 5.06 21.27 -4.85
CA GLY A 421 6.03 20.90 -3.82
C GLY A 421 5.52 20.84 -2.40
N GLN A 422 4.20 20.96 -2.17
CA GLN A 422 3.68 20.81 -0.81
C GLN A 422 3.65 19.36 -0.36
N TYR A 423 3.27 18.45 -1.24
CA TYR A 423 3.21 17.03 -0.90
C TYR A 423 2.88 16.26 -2.17
N GLU A 424 3.01 14.94 -2.09
CA GLU A 424 2.52 14.06 -3.16
C GLU A 424 1.86 12.85 -2.52
N PHE A 425 1.05 12.17 -3.31
CA PHE A 425 0.59 10.84 -2.99
C PHE A 425 1.58 9.82 -3.57
N GLN A 426 1.49 8.58 -3.06
CA GLN A 426 2.23 7.46 -3.63
C GLN A 426 1.35 6.23 -3.60
N CYS A 427 1.63 5.29 -4.50
CA CYS A 427 0.88 4.05 -4.58
C CYS A 427 1.78 2.95 -5.13
N LEU A 428 1.37 1.71 -4.93
CA LEU A 428 2.12 0.55 -5.40
C LEU A 428 1.70 0.22 -6.82
N HIS A 429 2.67 -0.14 -7.65
CA HIS A 429 2.35 -0.64 -8.98
C HIS A 429 1.43 -1.85 -8.87
N GLY A 430 0.35 -1.82 -9.66
CA GLY A 430 -0.64 -2.88 -9.66
C GLY A 430 -1.79 -2.70 -8.69
N MET A 431 -1.79 -1.64 -7.88
CA MET A 431 -2.84 -1.48 -6.88
C MET A 431 -3.52 -0.13 -6.90
N GLY A 432 -2.81 0.91 -7.29
CA GLY A 432 -3.40 2.23 -7.11
C GLY A 432 -4.11 2.80 -8.32
N GLU A 433 -3.87 2.22 -9.49
CA GLU A 433 -4.17 2.92 -10.74
C GLU A 433 -5.63 3.35 -10.88
N PRO A 434 -6.63 2.53 -10.54
CA PRO A 434 -8.02 3.02 -10.66
C PRO A 434 -8.34 4.18 -9.72
N LEU A 435 -7.74 4.22 -8.54
CA LEU A 435 -8.02 5.33 -7.63
C LEU A 435 -7.31 6.60 -8.09
N TYR A 436 -6.03 6.50 -8.47
CA TYR A 436 -5.26 7.67 -8.86
C TYR A 436 -5.51 8.10 -10.30
N GLU A 437 -6.29 7.35 -11.07
CA GLU A 437 -6.78 7.88 -12.34
C GLU A 437 -7.75 9.05 -12.11
N GLN A 438 -8.40 9.09 -10.94
CA GLN A 438 -9.24 10.21 -10.56
C GLN A 438 -8.45 11.35 -9.94
N VAL A 439 -7.16 11.15 -9.66
CA VAL A 439 -6.39 12.03 -8.79
C VAL A 439 -5.36 12.82 -9.58
N THR A 440 -4.40 12.13 -10.20
CA THR A 440 -3.37 12.79 -11.00
C THR A 440 -3.94 13.19 -12.36
N GLY A 441 -3.77 14.47 -12.70
CA GLY A 441 -4.19 14.95 -14.01
C GLY A 441 -4.94 16.26 -13.95
N LYS A 442 -5.40 16.74 -15.09
CA LYS A 442 -5.99 18.07 -15.18
C LYS A 442 -7.36 18.13 -14.50
N VAL A 443 -7.66 19.29 -13.89
CA VAL A 443 -8.99 19.51 -13.33
C VAL A 443 -10.04 19.51 -14.43
N ALA A 444 -9.67 19.93 -15.64
CA ALA A 444 -10.63 19.96 -16.74
C ALA A 444 -11.09 18.57 -17.12
N ASP A 445 -10.24 17.55 -16.89
CA ASP A 445 -10.57 16.17 -17.19
C ASP A 445 -11.22 15.46 -16.02
N GLY A 446 -11.65 16.20 -15.00
CA GLY A 446 -12.29 15.62 -13.84
C GLY A 446 -11.36 15.16 -12.75
N LYS A 447 -10.07 15.49 -12.82
CA LYS A 447 -9.09 15.02 -11.83
C LYS A 447 -8.88 16.06 -10.75
N LEU A 448 -8.33 15.59 -9.63
CA LEU A 448 -8.00 16.49 -8.53
C LEU A 448 -6.72 17.30 -8.77
N ASN A 449 -5.91 16.91 -9.76
CA ASN A 449 -4.65 17.58 -10.06
C ASN A 449 -3.66 17.50 -8.90
N ARG A 450 -3.44 16.28 -8.40
CA ARG A 450 -2.43 16.01 -7.39
C ARG A 450 -1.45 14.95 -7.88
N PRO A 451 -0.15 15.13 -7.66
CA PRO A 451 0.83 14.17 -8.16
C PRO A 451 0.85 12.89 -7.34
N CYS A 452 1.17 11.80 -8.03
CA CYS A 452 1.29 10.48 -7.42
C CYS A 452 2.58 9.83 -7.89
N ARG A 453 3.36 9.27 -6.96
CA ARG A 453 4.58 8.55 -7.29
C ARG A 453 4.31 7.05 -7.19
N ILE A 454 4.51 6.35 -8.30
CA ILE A 454 4.29 4.91 -8.37
C ILE A 454 5.55 4.21 -7.88
N TYR A 455 5.40 3.38 -6.86
CA TYR A 455 6.48 2.53 -6.39
C TYR A 455 6.56 1.31 -7.32
N ALA A 456 7.69 1.14 -8.00
CA ALA A 456 7.81 0.24 -9.13
C ALA A 456 8.84 -0.86 -8.84
N PRO A 457 8.41 -2.04 -8.40
CA PRO A 457 9.35 -3.14 -8.17
C PRO A 457 9.91 -3.66 -9.49
N VAL A 458 11.22 -3.94 -9.47
CA VAL A 458 11.96 -4.39 -10.63
C VAL A 458 12.78 -5.61 -10.25
N GLY A 459 12.63 -6.70 -11.00
CA GLY A 459 13.42 -7.88 -10.74
C GLY A 459 12.81 -9.10 -11.41
N THR A 460 13.58 -10.19 -11.39
CA THR A 460 13.13 -11.48 -11.92
C THR A 460 12.46 -12.32 -10.84
N HIS A 461 12.03 -13.53 -11.24
CA HIS A 461 11.29 -14.42 -10.35
C HIS A 461 12.06 -14.74 -9.07
N GLU A 462 13.39 -14.81 -9.14
CA GLU A 462 14.22 -15.17 -7.99
C GLU A 462 14.22 -14.13 -6.88
N THR A 463 13.63 -12.95 -7.10
CA THR A 463 13.63 -11.89 -6.10
C THR A 463 12.23 -11.47 -5.69
N LEU A 464 11.21 -12.23 -6.06
CA LEU A 464 9.84 -11.77 -5.93
C LEU A 464 9.13 -12.26 -4.66
N LEU A 465 9.58 -13.36 -4.05
CA LEU A 465 8.74 -14.09 -3.11
C LEU A 465 8.27 -13.20 -1.95
N ALA A 466 9.20 -12.63 -1.20
CA ALA A 466 8.81 -11.94 0.03
C ALA A 466 7.89 -10.77 -0.26
N TYR A 467 8.10 -10.08 -1.38
CA TYR A 467 7.26 -8.94 -1.71
C TYR A 467 5.86 -9.38 -2.11
N LEU A 468 5.76 -10.43 -2.95
CA LEU A 468 4.45 -10.95 -3.34
C LEU A 468 3.64 -11.39 -2.12
N VAL A 469 4.28 -12.03 -1.14
CA VAL A 469 3.56 -12.48 0.04
C VAL A 469 2.94 -11.29 0.80
N ARG A 470 3.69 -10.20 0.96
CA ARG A 470 3.12 -9.03 1.63
C ARG A 470 2.01 -8.39 0.82
N ARG A 471 2.10 -8.40 -0.52
CA ARG A 471 0.95 -8.01 -1.36
C ARG A 471 -0.23 -8.95 -1.15
N LEU A 472 0.01 -10.26 -0.98
CA LEU A 472 -1.10 -11.17 -0.75
C LEU A 472 -1.76 -10.90 0.60
N LEU A 473 -0.95 -10.69 1.64
CA LEU A 473 -1.50 -10.38 2.96
C LEU A 473 -2.30 -9.08 2.93
N GLU A 474 -1.80 -8.09 2.17
CA GLU A 474 -2.46 -6.80 2.08
C GLU A 474 -3.76 -6.90 1.32
N ASN A 475 -3.73 -7.52 0.13
CA ASN A 475 -4.90 -7.58 -0.73
C ASN A 475 -5.94 -8.56 -0.25
N GLY A 476 -5.58 -9.46 0.66
CA GLY A 476 -6.42 -10.59 1.02
C GLY A 476 -7.06 -10.44 2.38
N ALA A 477 -6.68 -9.39 3.11
CA ALA A 477 -7.20 -9.16 4.46
C ALA A 477 -8.55 -8.47 4.36
N ASN A 478 -9.51 -8.91 5.17
CA ASN A 478 -10.83 -8.31 5.08
C ASN A 478 -10.91 -6.95 5.78
N THR A 479 -9.83 -6.52 6.44
CA THR A 479 -9.71 -5.16 6.96
C THR A 479 -9.11 -4.18 5.95
N SER A 480 -8.49 -4.69 4.89
CA SER A 480 -7.89 -3.82 3.88
C SER A 480 -8.97 -3.10 3.08
N PHE A 481 -8.70 -1.82 2.76
CA PHE A 481 -9.63 -1.05 1.94
C PHE A 481 -9.83 -1.67 0.57
N VAL A 482 -8.74 -2.13 -0.06
CA VAL A 482 -8.86 -2.64 -1.43
C VAL A 482 -9.66 -3.94 -1.47
N ASN A 483 -9.73 -4.66 -0.35
CA ASN A 483 -10.55 -5.87 -0.26
C ASN A 483 -12.01 -5.53 0.00
N ARG A 484 -12.25 -4.63 0.96
CA ARG A 484 -13.61 -4.22 1.27
C ARG A 484 -14.29 -3.52 0.09
N ILE A 485 -13.55 -2.81 -0.75
CA ILE A 485 -14.23 -2.08 -1.81
C ILE A 485 -14.75 -3.01 -2.88
N ALA A 486 -14.14 -4.18 -3.04
CA ALA A 486 -14.64 -5.17 -4.00
C ALA A 486 -15.91 -5.84 -3.49
N ASP A 487 -16.16 -5.76 -2.19
CA ASP A 487 -17.30 -6.36 -1.51
C ASP A 487 -18.52 -5.43 -1.67
N THR A 488 -19.32 -5.69 -2.70
CA THR A 488 -20.44 -4.81 -3.01
C THR A 488 -21.56 -4.89 -1.98
N SER A 489 -21.53 -5.85 -1.06
CA SER A 489 -22.49 -5.86 0.03
C SER A 489 -22.11 -4.93 1.17
N LEU A 490 -20.93 -4.29 1.09
CA LEU A 490 -20.51 -3.31 2.08
C LEU A 490 -20.86 -1.91 1.60
N PRO A 491 -21.74 -1.19 2.28
CA PRO A 491 -22.18 0.11 1.74
C PRO A 491 -21.04 1.14 1.76
N LEU A 492 -21.05 2.02 0.75
CA LEU A 492 -19.97 2.99 0.58
C LEU A 492 -19.75 3.83 1.83
N ASP A 493 -20.81 4.23 2.51
CA ASP A 493 -20.67 5.05 3.71
C ASP A 493 -19.90 4.32 4.80
N GLU A 494 -20.14 3.02 4.98
CA GLU A 494 -19.36 2.26 5.94
C GLU A 494 -17.91 2.12 5.48
N LEU A 495 -17.71 1.97 4.16
CA LEU A 495 -16.36 1.80 3.62
C LEU A 495 -15.49 3.04 3.83
N VAL A 496 -16.08 4.24 3.71
CA VAL A 496 -15.28 5.46 3.86
C VAL A 496 -15.58 6.13 5.19
N ALA A 497 -15.99 5.36 6.19
CA ALA A 497 -16.33 5.94 7.49
C ALA A 497 -15.09 6.54 8.16
N ASP A 498 -15.32 7.59 8.92
CA ASP A 498 -14.21 8.34 9.50
C ASP A 498 -13.60 7.56 10.65
N PRO A 499 -12.27 7.39 10.68
CA PRO A 499 -11.63 6.53 11.70
C PRO A 499 -11.77 7.03 13.13
N VAL A 500 -11.69 8.33 13.38
CA VAL A 500 -11.84 8.83 14.74
C VAL A 500 -13.23 8.53 15.27
N THR A 501 -14.24 8.73 14.42
CA THR A 501 -15.62 8.45 14.82
C THR A 501 -15.80 6.96 15.11
N ALA A 502 -15.14 6.10 14.33
CA ALA A 502 -15.20 4.66 14.59
C ALA A 502 -14.58 4.31 15.94
N VAL A 503 -13.46 4.95 16.30
CA VAL A 503 -12.81 4.62 17.56
C VAL A 503 -13.68 5.05 18.73
N GLU A 504 -14.39 6.17 18.59
CA GLU A 504 -15.26 6.59 19.67
C GLU A 504 -16.51 5.72 19.75
N LYS A 505 -16.95 5.12 18.64
CA LYS A 505 -18.03 4.15 18.69
C LYS A 505 -17.66 2.96 19.56
N LEU A 506 -16.50 2.35 19.30
CA LEU A 506 -16.00 1.26 20.14
C LEU A 506 -15.82 1.71 21.57
N ALA A 507 -15.30 2.92 21.77
CA ALA A 507 -15.16 3.46 23.12
C ALA A 507 -16.50 3.45 23.87
N GLN A 508 -17.57 3.87 23.19
CA GLN A 508 -18.88 3.93 23.85
C GLN A 508 -19.46 2.53 24.03
N GLN A 509 -19.16 1.62 23.11
CA GLN A 509 -19.69 0.26 23.21
C GLN A 509 -18.90 -0.58 24.21
N GLU A 510 -17.57 -0.43 24.25
CA GLU A 510 -16.73 -1.34 25.01
C GLU A 510 -16.36 -0.82 26.39
N GLY A 511 -16.51 0.47 26.66
CA GLY A 511 -16.32 0.99 28.00
C GLY A 511 -15.09 1.85 28.16
N GLN A 512 -14.15 1.82 27.21
CA GLN A 512 -13.03 2.74 27.24
C GLN A 512 -12.34 2.74 25.88
N THR A 513 -11.61 3.84 25.62
CA THR A 513 -11.05 4.11 24.30
C THR A 513 -9.76 3.32 24.08
N GLY A 514 -9.65 2.73 22.89
CA GLY A 514 -8.41 2.11 22.47
C GLY A 514 -8.09 0.76 23.08
N LEU A 515 -9.10 -0.06 23.36
CA LEU A 515 -8.82 -1.41 23.83
C LEU A 515 -8.20 -2.24 22.70
N PRO A 516 -7.33 -3.20 23.04
CA PRO A 516 -6.76 -4.08 22.00
C PRO A 516 -7.85 -4.91 21.32
N HIS A 517 -7.52 -5.38 20.12
CA HIS A 517 -8.37 -6.31 19.39
C HIS A 517 -8.79 -7.46 20.31
N PRO A 518 -10.07 -7.85 20.32
CA PRO A 518 -10.49 -8.90 21.27
C PRO A 518 -9.77 -10.21 21.05
N LYS A 519 -9.43 -10.54 19.80
CA LYS A 519 -8.73 -11.77 19.45
C LYS A 519 -7.21 -11.67 19.55
N ILE A 520 -6.64 -10.51 19.86
CA ILE A 520 -5.18 -10.40 19.95
C ILE A 520 -4.79 -10.03 21.39
N PRO A 521 -4.76 -11.02 22.30
CA PRO A 521 -4.33 -10.74 23.67
C PRO A 521 -2.88 -10.34 23.73
N LEU A 522 -2.50 -9.75 24.87
CA LEU A 522 -1.10 -9.40 25.10
C LEU A 522 -0.25 -10.67 25.10
N PRO A 523 1.03 -10.55 24.67
CA PRO A 523 1.88 -11.75 24.50
C PRO A 523 2.01 -12.61 25.74
N ARG A 524 1.80 -12.04 26.92
CA ARG A 524 1.92 -12.75 28.19
C ARG A 524 0.61 -13.40 28.65
N ASP A 525 -0.47 -13.26 27.89
CA ASP A 525 -1.76 -13.83 28.27
C ASP A 525 -2.10 -15.04 27.40
#